data_9RGG
#
_entry.id   9RGG
#
_cell.length_a   60.410
_cell.length_b   60.410
_cell.length_c   214.410
_cell.angle_alpha   90.00
_cell.angle_beta   90.00
_cell.angle_gamma   90.00
#
_symmetry.space_group_name_H-M   'P 43 21 2'
#
loop_
_entity.id
_entity.type
_entity.pdbx_description
1 polymer 'Serine protease subunit NS2B'
2 polymer 'Genome polyprotein'
3 non-polymer 3-[[[(2~{R})-2-[2,4-bis(fluoranyl)phenyl]-2-oxidanyl-ethyl]amino]methyl]quinolin-2-ol
4 water water
#
loop_
_entity_poly.entity_id
_entity_poly.type
_entity_poly.pdbx_seq_one_letter_code
_entity_poly.pdbx_strand_id
1 'polypeptide(L)' MTGKSVDMYIERAGDITWEKDAEVTGNSPRLDVALDESGDFSLVEEDGPPMRE A,C
2 'polypeptide(L)'
;GALWDVPAPKEVKKGETTDGVYRVMTRRLLGSTQVGVGVMQEGVFHTMWHVTKGAALRSGEGRLDPYWGDVKQDLVSYCG
PWKLDAAWDGLSEVQLLAVPPGERAKNIQTLPGIFKTKDGDIGAVALDYPAGTSGSPILDKSGRVIGLYGNGVVIKNGSY
VSAITQGKREEETPVE
;
B,D
#
# COMPACT_ATOMS: atom_id res chain seq x y z
N VAL A 6 1.85 24.38 0.58
CA VAL A 6 1.90 22.96 0.26
C VAL A 6 1.80 22.76 -1.24
N ASP A 7 2.92 22.39 -1.86
CA ASP A 7 2.99 22.15 -3.30
C ASP A 7 2.30 20.82 -3.61
N MET A 8 1.09 20.89 -4.16
CA MET A 8 0.38 19.71 -4.66
C MET A 8 0.54 19.67 -6.18
N TYR A 9 1.04 18.54 -6.69
CA TYR A 9 1.41 18.42 -8.10
C TYR A 9 1.06 17.03 -8.62
N ILE A 10 1.06 16.89 -9.95
CA ILE A 10 0.67 15.63 -10.59
C ILE A 10 1.78 15.12 -11.49
N GLU A 11 1.85 13.80 -11.61
CA GLU A 11 2.82 13.08 -12.43
C GLU A 11 2.10 11.99 -13.19
N ARG A 12 2.32 11.92 -14.50
CA ARG A 12 1.67 10.88 -15.30
C ARG A 12 2.19 9.51 -14.90
N ALA A 13 1.26 8.55 -14.76
CA ALA A 13 1.60 7.20 -14.36
C ALA A 13 1.23 6.13 -15.38
N GLY A 14 0.43 6.45 -16.40
CA GLY A 14 0.13 5.45 -17.40
C GLY A 14 -1.04 5.83 -18.29
N ASP A 15 -1.31 4.95 -19.25
CA ASP A 15 -2.46 5.05 -20.11
C ASP A 15 -3.71 4.50 -19.40
N ILE A 16 -4.87 4.95 -19.86
CA ILE A 16 -6.14 4.37 -19.42
C ILE A 16 -6.43 3.20 -20.35
N THR A 17 -6.13 1.98 -19.90
N THR A 17 -6.10 1.98 -19.90
CA THR A 17 -6.30 0.80 -20.74
CA THR A 17 -6.30 0.80 -20.72
C THR A 17 -6.68 -0.41 -19.91
C THR A 17 -6.75 -0.37 -19.87
N TRP A 18 -7.54 -1.24 -20.50
CA TRP A 18 -7.86 -2.56 -19.95
C TRP A 18 -6.71 -3.51 -20.21
N GLU A 19 -6.36 -4.34 -19.23
CA GLU A 19 -5.28 -5.32 -19.36
C GLU A 19 -5.87 -6.73 -19.37
N LYS A 20 -5.61 -7.47 -20.45
CA LYS A 20 -6.22 -8.80 -20.62
C LYS A 20 -5.81 -9.76 -19.50
N ASP A 21 -4.55 -9.70 -19.06
CA ASP A 21 -4.02 -10.67 -18.11
C ASP A 21 -4.03 -10.17 -16.68
N ALA A 22 -5.01 -9.34 -16.32
CA ALA A 22 -5.05 -8.76 -14.99
C ALA A 22 -5.45 -9.79 -13.94
N GLU A 23 -4.82 -9.67 -12.77
CA GLU A 23 -5.27 -10.34 -11.56
C GLU A 23 -6.76 -10.07 -11.34
N VAL A 24 -7.46 -11.09 -10.83
CA VAL A 24 -8.90 -11.02 -10.57
C VAL A 24 -9.14 -11.35 -9.11
N THR A 25 -9.90 -10.51 -8.42
CA THR A 25 -10.17 -10.75 -7.01
C THR A 25 -11.32 -9.86 -6.57
N GLY A 26 -11.78 -10.11 -5.34
CA GLY A 26 -12.81 -9.29 -4.73
C GLY A 26 -14.18 -9.90 -4.86
N ASN A 27 -15.02 -9.73 -3.84
CA ASN A 27 -16.39 -10.22 -3.88
C ASN A 27 -17.30 -9.11 -4.38
N SER A 28 -18.61 -9.36 -4.36
N SER A 28 -18.61 -9.38 -4.40
CA SER A 28 -19.61 -8.50 -4.98
CA SER A 28 -19.60 -8.48 -4.98
C SER A 28 -20.77 -8.29 -4.02
C SER A 28 -20.76 -8.29 -4.01
N PRO A 29 -20.52 -7.60 -2.90
CA PRO A 29 -21.58 -7.46 -1.89
C PRO A 29 -22.71 -6.55 -2.33
N ARG A 30 -23.91 -6.87 -1.85
CA ARG A 30 -25.09 -6.03 -2.06
C ARG A 30 -25.45 -5.39 -0.73
N LEU A 31 -25.33 -4.05 -0.66
CA LEU A 31 -25.41 -3.32 0.59
C LEU A 31 -26.43 -2.19 0.48
N ASP A 32 -27.23 -2.05 1.53
CA ASP A 32 -28.12 -0.90 1.67
C ASP A 32 -27.33 0.22 2.35
N VAL A 33 -27.23 1.37 1.68
CA VAL A 33 -26.45 2.48 2.21
C VAL A 33 -27.22 3.78 2.05
N ALA A 34 -26.82 4.77 2.83
CA ALA A 34 -27.31 6.13 2.73
C ALA A 34 -26.12 7.06 2.50
N LEU A 35 -26.37 8.14 1.76
CA LEU A 35 -25.35 9.12 1.42
C LEU A 35 -25.77 10.45 2.02
N ASP A 36 -24.96 10.99 2.92
CA ASP A 36 -25.34 12.21 3.62
C ASP A 36 -24.73 13.42 2.94
N GLU A 37 -25.03 14.59 3.48
CA GLU A 37 -24.69 15.83 2.80
C GLU A 37 -23.18 16.01 2.65
N SER A 38 -22.40 15.42 3.54
CA SER A 38 -20.95 15.53 3.51
C SER A 38 -20.31 14.51 2.59
N GLY A 39 -21.11 13.77 1.83
CA GLY A 39 -20.57 12.78 0.92
C GLY A 39 -20.20 11.48 1.58
N ASP A 40 -20.61 11.25 2.82
CA ASP A 40 -20.24 10.06 3.56
C ASP A 40 -21.33 9.01 3.39
N PHE A 41 -20.92 7.82 2.93
CA PHE A 41 -21.83 6.69 2.89
C PHE A 41 -21.89 6.03 4.26
N SER A 42 -23.08 5.53 4.61
CA SER A 42 -23.25 4.76 5.83
C SER A 42 -24.18 3.58 5.55
N LEU A 43 -24.01 2.52 6.33
CA LEU A 43 -24.91 1.39 6.22
C LEU A 43 -26.29 1.74 6.78
N VAL A 44 -27.32 1.15 6.17
CA VAL A 44 -28.70 1.32 6.59
C VAL A 44 -29.29 -0.06 6.89
N GLU A 45 -30.09 -0.14 7.95
CA GLU A 45 -30.89 -1.32 8.23
C GLU A 45 -32.37 -0.92 8.26
N THR B 17 -0.71 17.46 -19.93
CA THR B 17 -2.06 17.54 -20.44
C THR B 17 -2.46 16.24 -21.15
N THR B 18 -1.48 15.38 -21.38
CA THR B 18 -1.72 14.11 -22.05
C THR B 18 -2.78 13.31 -21.31
N ASP B 19 -3.69 12.70 -22.08
CA ASP B 19 -4.62 11.73 -21.50
C ASP B 19 -3.85 10.70 -20.69
N GLY B 20 -4.44 10.25 -19.61
CA GLY B 20 -3.86 9.17 -18.84
C GLY B 20 -4.24 9.27 -17.38
N VAL B 21 -3.65 8.37 -16.60
CA VAL B 21 -3.83 8.34 -15.15
C VAL B 21 -2.59 8.94 -14.50
N TYR B 22 -2.81 9.76 -13.48
CA TYR B 22 -1.75 10.56 -12.85
C TYR B 22 -1.75 10.35 -11.34
N ARG B 23 -0.56 10.37 -10.74
CA ARG B 23 -0.43 10.49 -9.30
C ARG B 23 -0.68 11.94 -8.87
N VAL B 24 -1.30 12.10 -7.71
CA VAL B 24 -1.45 13.39 -7.04
C VAL B 24 -0.51 13.40 -5.84
N MET B 25 0.46 14.31 -5.85
CA MET B 25 1.54 14.33 -4.88
C MET B 25 1.49 15.61 -4.07
N THR B 26 2.10 15.57 -2.87
CA THR B 26 2.27 16.76 -2.05
C THR B 26 3.68 16.79 -1.47
N ARG B 27 4.15 17.99 -1.19
CA ARG B 27 5.43 18.20 -0.52
C ARG B 27 5.24 19.18 0.63
N GLY B 31 10.03 15.92 2.04
CA GLY B 31 9.79 14.72 1.26
C GLY B 31 8.43 14.73 0.57
N SER B 32 8.26 13.87 -0.42
CA SER B 32 7.02 13.81 -1.18
C SER B 32 6.17 12.62 -0.72
N THR B 33 4.86 12.81 -0.80
CA THR B 33 3.88 11.80 -0.43
C THR B 33 2.81 11.79 -1.51
N GLN B 34 2.30 10.60 -1.83
CA GLN B 34 1.20 10.48 -2.77
C GLN B 34 -0.12 10.53 -1.98
N VAL B 35 -0.96 11.52 -2.29
CA VAL B 35 -2.25 11.62 -1.62
C VAL B 35 -3.38 11.07 -2.47
N GLY B 36 -3.17 10.83 -3.75
CA GLY B 36 -4.24 10.33 -4.58
C GLY B 36 -3.83 10.13 -6.02
N VAL B 37 -4.86 9.99 -6.86
CA VAL B 37 -4.75 9.64 -8.26
C VAL B 37 -5.84 10.41 -8.99
N GLY B 38 -5.63 10.63 -10.28
CA GLY B 38 -6.70 11.22 -11.09
C GLY B 38 -6.57 10.87 -12.55
N VAL B 39 -7.56 11.32 -13.32
CA VAL B 39 -7.69 11.00 -14.73
C VAL B 39 -7.64 12.27 -15.55
N MET B 40 -6.75 12.31 -16.53
CA MET B 40 -6.73 13.37 -17.52
C MET B 40 -7.42 12.87 -18.79
N GLN B 41 -8.48 13.57 -19.20
CA GLN B 41 -9.19 13.23 -20.42
C GLN B 41 -9.76 14.51 -21.01
N GLU B 42 -9.57 14.68 -22.33
CA GLU B 42 -10.10 15.84 -23.03
C GLU B 42 -9.68 17.15 -22.35
N GLY B 43 -8.44 17.17 -21.88
CA GLY B 43 -7.87 18.38 -21.32
C GLY B 43 -8.33 18.72 -19.93
N VAL B 44 -9.06 17.83 -19.27
CA VAL B 44 -9.63 18.07 -17.95
C VAL B 44 -9.07 17.02 -17.00
N PHE B 45 -8.66 17.47 -15.81
CA PHE B 45 -8.19 16.55 -14.78
C PHE B 45 -9.31 16.25 -13.80
N HIS B 46 -9.54 14.97 -13.54
CA HIS B 46 -10.63 14.48 -12.72
C HIS B 46 -10.06 13.74 -11.52
N THR B 47 -10.50 14.12 -10.32
CA THR B 47 -10.12 13.35 -9.12
C THR B 47 -11.24 13.47 -8.10
N MET B 48 -11.01 12.94 -6.91
CA MET B 48 -12.01 12.99 -5.85
C MET B 48 -11.77 14.22 -4.98
N TRP B 49 -12.85 14.88 -4.58
CA TRP B 49 -12.71 16.13 -3.84
C TRP B 49 -11.84 15.95 -2.61
N HIS B 50 -12.02 14.85 -1.87
CA HIS B 50 -11.30 14.68 -0.61
C HIS B 50 -9.80 14.53 -0.83
N VAL B 51 -9.37 14.27 -2.05
CA VAL B 51 -7.94 14.16 -2.34
C VAL B 51 -7.27 15.53 -2.36
N THR B 52 -7.88 16.50 -3.05
CA THR B 52 -7.29 17.83 -3.19
C THR B 52 -7.99 18.91 -2.38
N LYS B 53 -9.22 18.69 -1.95
CA LYS B 53 -10.00 19.71 -1.26
C LYS B 53 -10.09 20.98 -2.11
N GLY B 54 -9.97 20.82 -3.43
CA GLY B 54 -10.12 21.93 -4.35
C GLY B 54 -8.86 22.76 -4.59
N ALA B 55 -7.72 22.35 -4.03
CA ALA B 55 -6.50 23.13 -4.20
C ALA B 55 -6.03 23.11 -5.65
N ALA B 56 -5.35 24.19 -6.04
CA ALA B 56 -4.72 24.21 -7.35
C ALA B 56 -3.63 23.16 -7.43
N LEU B 57 -3.39 22.65 -8.63
CA LEU B 57 -2.42 21.60 -8.87
C LEU B 57 -1.35 22.09 -9.82
N ARG B 58 -0.10 21.73 -9.53
CA ARG B 58 1.02 21.98 -10.42
C ARG B 58 1.18 20.79 -11.36
N SER B 59 1.44 21.09 -12.63
CA SER B 59 1.74 20.08 -13.64
C SER B 59 2.98 20.57 -14.39
N GLY B 60 4.15 20.13 -13.95
CA GLY B 60 5.40 20.66 -14.51
C GLY B 60 5.54 22.11 -14.16
N GLU B 61 5.64 22.96 -15.18
CA GLU B 61 5.70 24.40 -14.99
C GLU B 61 4.32 25.05 -14.96
N GLY B 62 3.26 24.29 -15.24
CA GLY B 62 1.93 24.84 -15.35
C GLY B 62 1.10 24.64 -14.08
N ARG B 63 -0.04 25.34 -14.06
CA ARG B 63 -0.95 25.30 -12.92
C ARG B 63 -2.34 24.92 -13.40
N LEU B 64 -2.95 23.97 -12.72
CA LEU B 64 -4.32 23.56 -12.99
C LEU B 64 -5.23 24.12 -11.90
N ASP B 65 -6.22 24.91 -12.30
CA ASP B 65 -7.13 25.49 -11.33
C ASP B 65 -8.44 24.73 -11.29
N PRO B 66 -9.07 24.64 -10.13
CA PRO B 66 -10.35 23.91 -10.06
C PRO B 66 -11.42 24.62 -10.88
N TYR B 67 -12.29 23.82 -11.47
CA TYR B 67 -13.35 24.30 -12.35
C TYR B 67 -14.74 23.95 -11.84
N TRP B 68 -14.93 22.74 -11.36
CA TRP B 68 -16.18 22.28 -10.80
C TRP B 68 -15.87 21.33 -9.65
N GLY B 69 -16.67 21.39 -8.60
CA GLY B 69 -16.49 20.47 -7.49
C GLY B 69 -17.78 20.30 -6.71
N ASP B 70 -17.89 19.16 -6.05
CA ASP B 70 -19.10 18.83 -5.28
C ASP B 70 -18.72 17.88 -4.14
N VAL B 71 -18.89 18.34 -2.91
CA VAL B 71 -18.50 17.55 -1.75
C VAL B 71 -19.36 16.30 -1.61
N LYS B 72 -20.66 16.41 -1.91
CA LYS B 72 -21.51 15.23 -1.73
C LYS B 72 -21.14 14.13 -2.72
N GLN B 73 -20.87 14.50 -3.98
CA GLN B 73 -20.39 13.50 -4.94
C GLN B 73 -18.93 13.14 -4.70
N ASP B 74 -18.22 13.95 -3.91
CA ASP B 74 -16.79 13.78 -3.66
C ASP B 74 -15.98 13.79 -4.95
N LEU B 75 -16.29 14.74 -5.83
CA LEU B 75 -15.62 14.86 -7.11
C LEU B 75 -15.18 16.29 -7.37
N VAL B 76 -14.18 16.43 -8.24
CA VAL B 76 -13.68 17.74 -8.64
C VAL B 76 -13.03 17.60 -10.01
N SER B 77 -13.21 18.62 -10.86
CA SER B 77 -12.55 18.69 -12.15
C SER B 77 -11.74 19.98 -12.24
N TYR B 78 -10.65 19.91 -13.00
CA TYR B 78 -9.74 21.02 -13.23
C TYR B 78 -9.66 21.32 -14.71
N CYS B 79 -9.61 22.61 -15.04
CA CYS B 79 -9.40 23.15 -16.37
C CYS B 79 -10.66 23.11 -17.22
N GLY B 80 -11.71 22.44 -16.78
CA GLY B 80 -12.93 22.33 -17.55
C GLY B 80 -13.95 21.47 -16.83
N PRO B 81 -15.11 21.30 -17.46
CA PRO B 81 -16.18 20.52 -16.84
C PRO B 81 -15.87 19.03 -16.85
N TRP B 82 -16.52 18.32 -15.94
CA TRP B 82 -16.40 16.87 -15.86
C TRP B 82 -16.73 16.22 -17.19
N LYS B 83 -15.82 15.35 -17.66
CA LYS B 83 -15.91 14.76 -18.98
C LYS B 83 -16.27 13.28 -19.00
N LEU B 84 -16.16 12.58 -17.88
CA LEU B 84 -16.33 11.13 -17.84
C LEU B 84 -17.80 10.81 -17.64
N ASP B 85 -18.38 10.02 -18.54
CA ASP B 85 -19.80 9.73 -18.45
C ASP B 85 -20.17 8.26 -18.65
N ALA B 86 -19.23 7.37 -18.94
CA ALA B 86 -19.56 5.95 -19.03
C ALA B 86 -20.04 5.43 -17.67
N ALA B 87 -20.88 4.40 -17.71
CA ALA B 87 -21.45 3.82 -16.50
C ALA B 87 -21.38 2.30 -16.54
N TRP B 88 -21.20 1.71 -15.35
CA TRP B 88 -21.23 0.26 -15.23
C TRP B 88 -22.53 -0.29 -15.80
N ASP B 89 -22.40 -1.38 -16.56
CA ASP B 89 -23.58 -1.97 -17.20
C ASP B 89 -24.36 -2.88 -16.27
N GLY B 90 -23.89 -3.08 -15.04
CA GLY B 90 -24.61 -3.86 -14.05
C GLY B 90 -24.41 -5.35 -14.13
N LEU B 91 -23.63 -5.84 -15.08
CA LEU B 91 -23.46 -7.27 -15.32
C LEU B 91 -22.01 -7.68 -15.44
N SER B 92 -21.17 -6.84 -16.03
CA SER B 92 -19.85 -7.25 -16.46
C SER B 92 -18.80 -6.93 -15.40
N GLU B 93 -17.70 -7.67 -15.47
CA GLU B 93 -16.55 -7.34 -14.65
C GLU B 93 -15.92 -6.04 -15.12
N VAL B 94 -15.24 -5.38 -14.20
CA VAL B 94 -14.59 -4.10 -14.44
C VAL B 94 -13.14 -4.25 -13.99
N GLN B 95 -12.34 -3.22 -14.27
CA GLN B 95 -10.97 -3.19 -13.80
C GLN B 95 -10.70 -1.90 -13.06
N LEU B 96 -10.15 -2.02 -11.85
CA LEU B 96 -9.56 -0.89 -11.16
C LEU B 96 -8.15 -0.69 -11.73
N LEU B 97 -7.90 0.49 -12.30
CA LEU B 97 -6.56 0.85 -12.74
C LEU B 97 -5.91 1.60 -11.57
N ALA B 98 -5.32 0.83 -10.66
CA ALA B 98 -4.75 1.40 -9.45
C ALA B 98 -3.36 1.96 -9.71
N VAL B 99 -3.08 3.09 -9.07
CA VAL B 99 -1.74 3.64 -9.06
C VAL B 99 -1.29 3.72 -7.60
N PRO B 100 -0.73 2.63 -7.05
CA PRO B 100 -0.38 2.65 -5.64
C PRO B 100 0.83 3.52 -5.40
N PRO B 101 0.92 4.17 -4.24
CA PRO B 101 2.14 4.89 -3.89
C PRO B 101 3.37 4.00 -4.02
N GLY B 102 4.35 4.47 -4.77
CA GLY B 102 5.61 3.77 -4.89
C GLY B 102 5.61 2.57 -5.81
N GLU B 103 4.54 2.33 -6.54
CA GLU B 103 4.44 1.20 -7.46
C GLU B 103 3.95 1.68 -8.82
N ARG B 104 4.21 0.88 -9.85
CA ARG B 104 3.70 1.21 -11.17
C ARG B 104 2.20 0.95 -11.23
N ALA B 105 1.55 1.66 -12.15
CA ALA B 105 0.13 1.45 -12.39
C ALA B 105 -0.15 -0.02 -12.70
N LYS B 106 -1.23 -0.55 -12.13
CA LYS B 106 -1.57 -1.95 -12.34
C LYS B 106 -3.08 -2.11 -12.31
N ASN B 107 -3.55 -3.16 -13.00
CA ASN B 107 -4.97 -3.40 -13.18
C ASN B 107 -5.42 -4.56 -12.29
N ILE B 108 -6.59 -4.39 -11.68
CA ILE B 108 -7.23 -5.39 -10.86
C ILE B 108 -8.66 -5.56 -11.37
N GLN B 109 -8.99 -6.78 -11.81
CA GLN B 109 -10.31 -7.07 -12.33
C GLN B 109 -11.22 -7.62 -11.24
N THR B 110 -12.49 -7.25 -11.31
CA THR B 110 -13.44 -7.65 -10.27
C THR B 110 -14.86 -7.53 -10.81
N LEU B 111 -15.79 -8.27 -10.20
CA LEU B 111 -17.21 -8.05 -10.45
C LEU B 111 -17.76 -7.13 -9.37
N PRO B 112 -18.28 -5.95 -9.72
CA PRO B 112 -18.81 -5.07 -8.68
C PRO B 112 -20.01 -5.66 -7.96
N GLY B 113 -20.12 -5.33 -6.68
CA GLY B 113 -21.37 -5.41 -5.97
C GLY B 113 -22.18 -4.16 -6.20
N ILE B 114 -23.14 -3.90 -5.30
CA ILE B 114 -24.09 -2.82 -5.47
C ILE B 114 -24.29 -2.10 -4.15
N PHE B 115 -24.25 -0.77 -4.19
CA PHE B 115 -24.83 0.06 -3.15
C PHE B 115 -26.28 0.34 -3.54
N LYS B 116 -27.23 -0.13 -2.72
CA LYS B 116 -28.64 0.18 -2.91
C LYS B 116 -28.96 1.42 -2.09
N THR B 117 -29.40 2.49 -2.75
CA THR B 117 -29.75 3.72 -2.07
C THR B 117 -31.19 4.11 -2.42
N LYS B 118 -31.71 5.08 -1.66
CA LYS B 118 -33.05 5.59 -1.93
C LYS B 118 -33.13 6.29 -3.29
N ASP B 119 -32.00 6.59 -3.91
CA ASP B 119 -31.96 7.27 -5.20
C ASP B 119 -31.42 6.38 -6.32
N GLY B 120 -31.43 5.07 -6.11
CA GLY B 120 -31.00 4.11 -7.11
C GLY B 120 -29.73 3.40 -6.70
N ASP B 121 -29.33 2.46 -7.56
CA ASP B 121 -28.17 1.63 -7.30
C ASP B 121 -26.90 2.28 -7.82
N ILE B 122 -25.80 2.00 -7.12
CA ILE B 122 -24.46 2.44 -7.51
C ILE B 122 -23.57 1.21 -7.50
N GLY B 123 -22.79 1.02 -8.56
CA GLY B 123 -21.80 -0.04 -8.54
C GLY B 123 -20.80 0.17 -7.42
N ALA B 124 -20.26 -0.94 -6.92
CA ALA B 124 -19.30 -0.86 -5.81
C ALA B 124 -18.30 -1.99 -5.93
N VAL B 125 -17.04 -1.71 -5.59
CA VAL B 125 -15.97 -2.68 -5.70
C VAL B 125 -15.39 -2.95 -4.31
N ALA B 126 -15.29 -4.24 -3.97
CA ALA B 126 -14.86 -4.68 -2.65
C ALA B 126 -13.35 -4.92 -2.68
N LEU B 127 -12.64 -3.82 -2.89
CA LEU B 127 -11.19 -3.81 -3.00
C LEU B 127 -10.69 -2.77 -2.02
N ASP B 128 -9.65 -3.12 -1.26
CA ASP B 128 -9.20 -2.35 -0.10
C ASP B 128 -7.72 -2.06 -0.27
N TYR B 129 -7.40 -0.91 -0.86
CA TYR B 129 -6.02 -0.55 -1.18
C TYR B 129 -5.61 0.74 -0.47
N PRO B 130 -4.31 1.05 -0.45
CA PRO B 130 -3.86 2.21 0.32
C PRO B 130 -4.55 3.50 -0.06
N ALA B 131 -4.69 4.39 0.92
CA ALA B 131 -5.46 5.62 0.75
C ALA B 131 -4.94 6.46 -0.43
N GLY B 132 -3.63 6.41 -0.69
CA GLY B 132 -3.06 7.14 -1.80
C GLY B 132 -3.53 6.69 -3.16
N THR B 133 -4.29 5.61 -3.22
N THR B 133 -4.29 5.60 -3.24
CA THR B 133 -4.90 5.12 -4.45
CA THR B 133 -4.88 5.19 -4.51
C THR B 133 -6.24 5.80 -4.74
C THR B 133 -6.21 5.86 -4.78
N SER B 134 -6.76 6.59 -3.81
CA SER B 134 -8.03 7.28 -4.02
C SER B 134 -7.97 8.16 -5.26
N GLY B 135 -9.01 8.06 -6.10
CA GLY B 135 -9.05 8.72 -7.38
C GLY B 135 -8.68 7.83 -8.55
N SER B 136 -8.22 6.62 -8.29
CA SER B 136 -7.87 5.71 -9.38
C SER B 136 -9.12 5.40 -10.20
N PRO B 137 -9.00 5.32 -11.52
CA PRO B 137 -10.17 5.04 -12.35
C PRO B 137 -10.56 3.58 -12.36
N ILE B 138 -11.87 3.37 -12.47
CA ILE B 138 -12.45 2.05 -12.72
C ILE B 138 -12.94 2.04 -14.15
N LEU B 139 -12.60 0.97 -14.89
CA LEU B 139 -12.80 0.90 -16.33
C LEU B 139 -13.77 -0.20 -16.72
N ASP B 140 -14.50 0.02 -17.80
CA ASP B 140 -15.25 -1.07 -18.43
C ASP B 140 -14.38 -1.73 -19.50
N LYS B 141 -14.92 -2.80 -20.10
CA LYS B 141 -14.13 -3.61 -21.03
C LYS B 141 -13.65 -2.83 -22.23
N SER B 142 -14.33 -1.74 -22.59
CA SER B 142 -13.88 -0.90 -23.70
C SER B 142 -12.83 0.12 -23.30
N GLY B 143 -12.42 0.15 -22.04
CA GLY B 143 -11.43 1.09 -21.57
C GLY B 143 -11.96 2.44 -21.17
N ARG B 144 -13.29 2.61 -21.11
CA ARG B 144 -13.88 3.86 -20.68
C ARG B 144 -13.93 3.91 -19.16
N VAL B 145 -13.74 5.12 -18.61
CA VAL B 145 -13.76 5.29 -17.17
C VAL B 145 -15.21 5.39 -16.70
N ILE B 146 -15.63 4.41 -15.89
CA ILE B 146 -17.00 4.39 -15.37
C ILE B 146 -17.10 4.99 -13.98
N GLY B 147 -15.99 5.40 -13.39
CA GLY B 147 -16.01 6.08 -12.11
C GLY B 147 -14.64 6.04 -11.47
N LEU B 148 -14.57 6.66 -10.29
CA LEU B 148 -13.33 6.73 -9.53
C LEU B 148 -13.46 5.99 -8.21
N TYR B 149 -12.33 5.46 -7.76
CA TYR B 149 -12.22 4.65 -6.54
C TYR B 149 -11.85 5.52 -5.34
N GLY B 150 -12.52 5.27 -4.21
CA GLY B 150 -12.04 5.86 -2.97
C GLY B 150 -13.03 6.55 -2.07
N ASN B 151 -14.33 6.46 -2.34
CA ASN B 151 -15.37 6.89 -1.40
C ASN B 151 -16.29 5.70 -1.17
N GLY B 152 -16.41 5.26 0.07
CA GLY B 152 -17.11 4.02 0.34
C GLY B 152 -17.54 3.84 1.78
N VAL B 153 -17.71 2.56 2.15
CA VAL B 153 -18.16 2.17 3.47
C VAL B 153 -17.37 0.94 3.92
N VAL B 154 -17.45 0.66 5.21
CA VAL B 154 -16.86 -0.53 5.81
C VAL B 154 -17.99 -1.48 6.22
N ILE B 155 -17.84 -2.75 5.85
CA ILE B 155 -18.81 -3.77 6.24
C ILE B 155 -18.25 -4.64 7.36
N GLY B 158 -15.02 -5.15 8.61
CA GLY B 158 -13.63 -4.76 8.48
C GLY B 158 -13.22 -4.39 7.08
N SER B 159 -13.87 -5.00 6.08
CA SER B 159 -13.49 -4.77 4.70
C SER B 159 -14.10 -3.48 4.15
N TYR B 160 -13.28 -2.72 3.47
CA TYR B 160 -13.72 -1.53 2.76
C TYR B 160 -14.37 -1.91 1.43
N VAL B 161 -15.44 -1.20 1.09
CA VAL B 161 -16.08 -1.32 -0.21
C VAL B 161 -16.25 0.08 -0.78
N SER B 162 -15.74 0.29 -1.99
CA SER B 162 -15.75 1.59 -2.64
C SER B 162 -16.92 1.69 -3.60
N ALA B 163 -17.65 2.80 -3.54
CA ALA B 163 -18.57 3.11 -4.62
C ALA B 163 -17.77 3.30 -5.90
N ILE B 164 -18.41 3.00 -7.03
CA ILE B 164 -17.91 3.45 -8.33
C ILE B 164 -18.52 4.83 -8.54
N THR B 165 -17.75 5.88 -8.24
CA THR B 165 -18.27 7.24 -8.22
C THR B 165 -18.06 7.88 -9.58
N GLN B 166 -19.15 8.23 -10.25
CA GLN B 166 -19.12 8.86 -11.56
C GLN B 166 -19.83 10.21 -11.47
N GLY B 167 -19.32 11.18 -12.23
CA GLY B 167 -19.90 12.50 -12.28
C GLY B 167 -20.92 12.62 -13.39
N LYS B 168 -21.26 13.87 -13.71
CA LYS B 168 -22.24 14.18 -14.73
C LYS B 168 -21.57 15.01 -15.82
N ARG B 169 -21.65 14.53 -17.06
CA ARG B 169 -21.18 15.29 -18.22
C ARG B 169 -22.39 15.88 -18.97
N ASP C 7 25.55 -7.23 -6.82
CA ASP C 7 24.46 -6.50 -7.43
C ASP C 7 23.78 -5.53 -6.47
N MET C 8 23.88 -5.81 -5.18
CA MET C 8 23.08 -5.12 -4.17
C MET C 8 23.96 -4.35 -3.21
N TYR C 9 23.39 -3.27 -2.66
CA TYR C 9 24.07 -2.44 -1.69
C TYR C 9 23.03 -1.87 -0.74
N ILE C 10 23.50 -1.43 0.43
CA ILE C 10 22.61 -0.89 1.45
C ILE C 10 22.94 0.58 1.65
N GLU C 11 21.91 1.36 1.97
CA GLU C 11 22.09 2.78 2.27
C GLU C 11 21.17 3.18 3.41
N ARG C 12 21.68 4.06 4.26
CA ARG C 12 20.99 4.41 5.50
C ARG C 12 19.64 5.04 5.22
N ALA C 13 18.64 4.68 6.03
CA ALA C 13 17.30 5.26 5.95
C ALA C 13 16.80 5.90 7.23
N GLY C 14 17.45 5.66 8.37
CA GLY C 14 17.05 6.37 9.58
C GLY C 14 17.49 5.63 10.83
N ASP C 15 17.25 6.30 11.95
CA ASP C 15 17.37 5.67 13.26
C ASP C 15 16.12 4.81 13.50
N ILE C 16 16.23 3.90 14.46
CA ILE C 16 15.13 3.04 14.84
C ILE C 16 14.61 3.53 16.19
N THR C 17 13.43 4.16 16.17
CA THR C 17 12.82 4.66 17.39
C THR C 17 11.30 4.57 17.28
N TRP C 18 10.67 4.43 18.44
CA TRP C 18 9.23 4.61 18.57
C TRP C 18 8.88 6.08 18.46
N GLU C 19 7.81 6.39 17.73
CA GLU C 19 7.33 7.75 17.58
C GLU C 19 6.06 7.92 18.40
N LYS C 20 6.10 8.85 19.37
CA LYS C 20 5.00 8.95 20.33
C LYS C 20 3.71 9.44 19.70
N ASP C 21 3.79 10.28 18.65
CA ASP C 21 2.57 10.83 18.06
C ASP C 21 2.29 10.17 16.72
N ALA C 22 2.37 8.84 16.67
CA ALA C 22 2.26 8.12 15.41
C ALA C 22 0.80 7.87 15.04
N GLU C 23 0.53 7.91 13.74
CA GLU C 23 -0.75 7.48 13.21
C GLU C 23 -1.05 6.05 13.63
N VAL C 24 -2.25 5.82 14.15
CA VAL C 24 -2.74 4.49 14.48
C VAL C 24 -3.70 4.06 13.39
N THR C 25 -3.51 2.86 12.85
CA THR C 25 -4.35 2.39 11.75
C THR C 25 -4.20 0.89 11.61
N GLY C 26 -5.05 0.32 10.76
CA GLY C 26 -5.06 -1.10 10.48
C GLY C 26 -6.00 -1.84 11.41
N ASN C 27 -6.49 -2.97 10.93
CA ASN C 27 -7.30 -3.85 11.74
C ASN C 27 -6.41 -4.95 12.33
N SER C 28 -7.03 -5.96 12.94
CA SER C 28 -6.32 -6.99 13.71
C SER C 28 -6.91 -8.35 13.37
N PRO C 29 -6.73 -8.82 12.14
CA PRO C 29 -7.39 -10.06 11.73
C PRO C 29 -6.80 -11.30 12.37
N ARG C 30 -7.67 -12.27 12.64
CA ARG C 30 -7.28 -13.61 13.08
C ARG C 30 -7.47 -14.53 11.90
N LEU C 31 -6.36 -15.01 11.32
CA LEU C 31 -6.37 -15.74 10.06
C LEU C 31 -5.73 -17.11 10.23
N ASP C 32 -6.37 -18.13 9.65
CA ASP C 32 -5.80 -19.47 9.58
C ASP C 32 -4.91 -19.55 8.35
N VAL C 33 -3.62 -19.80 8.57
CA VAL C 33 -2.65 -19.84 7.48
C VAL C 33 -1.79 -21.08 7.59
N ALA C 34 -1.15 -21.44 6.47
CA ALA C 34 -0.16 -22.50 6.41
C ALA C 34 1.16 -21.92 5.91
N LEU C 35 2.26 -22.42 6.49
CA LEU C 35 3.61 -22.04 6.10
C LEU C 35 4.26 -23.24 5.43
N ASP C 36 4.58 -23.11 4.15
CA ASP C 36 5.15 -24.25 3.43
C ASP C 36 6.67 -24.24 3.55
N GLU C 37 7.30 -25.32 3.07
CA GLU C 37 8.73 -25.47 3.27
C GLU C 37 9.53 -24.40 2.54
N SER C 38 8.94 -23.72 1.56
CA SER C 38 9.60 -22.64 0.85
C SER C 38 9.50 -21.30 1.56
N GLY C 39 8.86 -21.26 2.74
CA GLY C 39 8.74 -20.01 3.47
C GLY C 39 7.58 -19.14 3.05
N ASP C 40 6.62 -19.69 2.31
CA ASP C 40 5.48 -18.94 1.82
C ASP C 40 4.25 -19.25 2.67
N PHE C 41 3.55 -18.19 3.08
CA PHE C 41 2.27 -18.32 3.77
C PHE C 41 1.14 -18.41 2.74
N SER C 42 0.11 -19.16 3.09
CA SER C 42 -1.11 -19.23 2.29
C SER C 42 -2.30 -19.28 3.24
N LEU C 43 -3.45 -18.85 2.74
CA LEU C 43 -4.70 -18.96 3.51
C LEU C 43 -5.20 -20.40 3.47
N VAL C 44 -5.69 -20.88 4.61
CA VAL C 44 -6.23 -22.22 4.70
C VAL C 44 -7.66 -22.22 4.16
N GLU C 45 -8.01 -23.27 3.41
CA GLU C 45 -9.36 -23.43 2.89
C GLU C 45 -10.19 -24.27 3.87
N LYS D 13 35.41 6.43 16.71
CA LYS D 13 35.84 5.85 17.98
C LYS D 13 35.75 4.33 17.94
N LYS D 14 36.63 3.66 18.68
CA LYS D 14 36.61 2.20 18.73
C LYS D 14 35.33 1.74 19.40
N GLY D 15 34.59 0.86 18.71
CA GLY D 15 33.31 0.39 19.20
C GLY D 15 32.12 1.09 18.60
N GLU D 16 32.33 2.13 17.80
CA GLU D 16 31.22 2.90 17.25
C GLU D 16 30.70 2.18 16.01
N THR D 17 29.51 1.62 16.10
CA THR D 17 28.86 0.91 15.00
C THR D 17 27.74 1.77 14.43
N THR D 18 27.13 1.28 13.35
CA THR D 18 26.24 2.09 12.53
C THR D 18 24.78 1.65 12.64
N ASP D 19 24.25 1.60 13.86
CA ASP D 19 22.88 1.14 14.08
C ASP D 19 21.89 1.96 13.25
N GLY D 20 20.86 1.29 12.74
CA GLY D 20 19.76 1.97 12.09
C GLY D 20 19.10 1.08 11.08
N VAL D 21 18.17 1.68 10.34
CA VAL D 21 17.43 0.98 9.28
C VAL D 21 18.01 1.42 7.94
N TYR D 22 18.10 0.48 7.00
CA TYR D 22 18.76 0.67 5.72
C TYR D 22 17.88 0.16 4.59
N ARG D 23 18.00 0.82 3.44
CA ARG D 23 17.40 0.33 2.20
C ARG D 23 18.35 -0.65 1.54
N VAL D 24 17.80 -1.70 0.95
CA VAL D 24 18.56 -2.63 0.12
C VAL D 24 18.23 -2.31 -1.33
N MET D 25 19.26 -1.91 -2.09
CA MET D 25 19.10 -1.37 -3.43
C MET D 25 19.85 -2.24 -4.43
N THR D 26 19.35 -2.28 -5.66
CA THR D 26 20.15 -2.77 -6.77
C THR D 26 20.93 -1.59 -7.37
N ARG D 27 22.01 -1.91 -8.08
CA ARG D 27 22.85 -0.84 -8.58
C ARG D 27 22.29 -0.28 -9.89
N ARG D 28 22.90 0.82 -10.33
CA ARG D 28 22.44 1.54 -11.51
C ARG D 28 22.16 0.63 -12.69
N LEU D 29 22.82 -0.54 -12.75
CA LEU D 29 22.65 -1.44 -13.89
C LEU D 29 21.23 -1.96 -14.01
N LEU D 30 20.52 -2.09 -12.90
CA LEU D 30 19.22 -2.75 -12.86
C LEU D 30 18.06 -1.77 -12.66
N GLY D 31 18.35 -0.49 -12.49
CA GLY D 31 17.32 0.51 -12.31
C GLY D 31 17.56 1.35 -11.07
N SER D 32 18.45 0.88 -10.21
CA SER D 32 18.60 1.42 -8.85
C SER D 32 17.27 1.30 -8.10
N THR D 33 16.75 0.08 -8.08
CA THR D 33 15.49 -0.24 -7.44
C THR D 33 15.72 -0.57 -5.97
N GLN D 34 14.72 -0.25 -5.14
CA GLN D 34 14.70 -0.73 -3.77
C GLN D 34 14.03 -2.09 -3.76
N VAL D 35 14.79 -3.12 -3.38
CA VAL D 35 14.23 -4.47 -3.30
C VAL D 35 13.89 -4.85 -1.85
N GLY D 36 14.42 -4.14 -0.87
CA GLY D 36 14.02 -4.41 0.50
C GLY D 36 14.63 -3.43 1.48
N VAL D 37 14.62 -3.85 2.74
CA VAL D 37 15.01 -3.03 3.89
C VAL D 37 15.66 -3.98 4.90
N GLY D 38 16.48 -3.42 5.76
CA GLY D 38 17.02 -4.22 6.85
C GLY D 38 17.45 -3.37 8.02
N VAL D 39 17.86 -4.07 9.09
CA VAL D 39 18.20 -3.48 10.37
C VAL D 39 19.67 -3.76 10.65
N MET D 40 20.43 -2.70 10.88
CA MET D 40 21.79 -2.82 11.39
C MET D 40 21.72 -2.67 12.91
N GLN D 41 22.12 -3.71 13.63
CA GLN D 41 22.14 -3.65 15.08
C GLN D 41 23.28 -4.50 15.61
N GLU D 42 24.08 -3.93 16.51
CA GLU D 42 25.18 -4.65 17.13
C GLU D 42 26.13 -5.23 16.09
N GLY D 43 26.34 -4.48 15.01
CA GLY D 43 27.28 -4.88 13.97
C GLY D 43 26.77 -5.92 13.01
N VAL D 44 25.49 -6.26 13.07
CA VAL D 44 24.91 -7.31 12.23
C VAL D 44 23.79 -6.69 11.40
N PHE D 45 23.73 -7.08 10.12
CA PHE D 45 22.65 -6.65 9.26
C PHE D 45 21.59 -7.74 9.15
N HIS D 46 20.35 -7.38 9.43
CA HIS D 46 19.22 -8.30 9.49
C HIS D 46 18.24 -7.94 8.39
N THR D 47 17.89 -8.90 7.54
CA THR D 47 16.84 -8.68 6.54
C THR D 47 16.14 -10.00 6.29
N MET D 48 15.25 -10.00 5.29
CA MET D 48 14.46 -11.19 4.97
C MET D 48 15.14 -11.92 3.82
N TRP D 49 15.12 -13.26 3.87
CA TRP D 49 15.86 -14.04 2.88
C TRP D 49 15.38 -13.74 1.46
N HIS D 50 14.08 -13.53 1.27
CA HIS D 50 13.56 -13.33 -0.09
C HIS D 50 14.00 -11.99 -0.68
N VAL D 51 14.53 -11.08 0.13
CA VAL D 51 15.05 -9.82 -0.40
C VAL D 51 16.39 -10.02 -1.09
N THR D 52 17.35 -10.67 -0.42
CA THR D 52 18.70 -10.82 -0.95
C THR D 52 19.01 -12.21 -1.46
N LYS D 53 18.23 -13.22 -1.09
CA LYS D 53 18.51 -14.61 -1.45
C LYS D 53 19.91 -15.01 -0.98
N GLY D 54 20.41 -14.37 0.06
CA GLY D 54 21.71 -14.67 0.61
C GLY D 54 22.89 -14.03 -0.09
N ALA D 55 22.66 -13.19 -1.09
CA ALA D 55 23.74 -12.56 -1.84
C ALA D 55 24.52 -11.59 -0.97
N ALA D 56 25.81 -11.46 -1.27
CA ALA D 56 26.64 -10.46 -0.60
C ALA D 56 26.10 -9.05 -0.87
N LEU D 57 26.39 -8.14 0.04
CA LEU D 57 25.91 -6.76 -0.03
C LEU D 57 27.08 -5.81 0.07
N ARG D 58 27.04 -4.75 -0.75
CA ARG D 58 28.01 -3.67 -0.66
C ARG D 58 27.55 -2.66 0.39
N SER D 59 28.47 -2.21 1.22
CA SER D 59 28.20 -1.20 2.24
C SER D 59 29.35 -0.18 2.17
N GLY D 60 29.10 0.95 1.52
CA GLY D 60 30.20 1.84 1.22
C GLY D 60 31.24 1.09 0.42
N GLU D 61 32.46 1.02 0.94
CA GLU D 61 33.53 0.28 0.30
C GLU D 61 33.70 -1.13 0.86
N GLY D 62 32.98 -1.48 1.94
CA GLY D 62 33.06 -2.82 2.49
C GLY D 62 32.06 -3.76 1.86
N ARG D 63 32.25 -5.05 2.14
CA ARG D 63 31.33 -6.09 1.70
C ARG D 63 30.79 -6.83 2.91
N LEU D 64 29.48 -7.07 2.90
CA LEU D 64 28.81 -7.81 3.96
C LEU D 64 28.50 -9.21 3.45
N ASP D 65 28.95 -10.21 4.18
CA ASP D 65 28.76 -11.60 3.80
C ASP D 65 27.70 -12.25 4.69
N PRO D 66 26.89 -13.14 4.14
CA PRO D 66 25.88 -13.81 4.96
C PRO D 66 26.53 -14.66 6.04
N TYR D 67 25.85 -14.76 7.16
CA TYR D 67 26.34 -15.49 8.32
C TYR D 67 25.36 -16.56 8.78
N TRP D 68 24.07 -16.25 8.82
CA TRP D 68 23.04 -17.22 9.15
C TRP D 68 21.84 -16.94 8.25
N GLY D 69 21.17 -18.00 7.84
CA GLY D 69 19.94 -17.81 7.07
C GLY D 69 19.06 -19.04 7.13
N ASP D 70 17.77 -18.82 6.90
CA ASP D 70 16.78 -19.89 6.92
C ASP D 70 15.64 -19.53 5.97
N VAL D 71 15.49 -20.32 4.91
CA VAL D 71 14.47 -20.03 3.89
C VAL D 71 13.08 -20.10 4.48
N LYS D 72 12.83 -21.06 5.37
CA LYS D 72 11.46 -21.22 5.85
C LYS D 72 11.06 -20.08 6.77
N GLN D 73 11.96 -19.66 7.67
CA GLN D 73 11.71 -18.47 8.47
C GLN D 73 11.76 -17.20 7.62
N ASP D 74 12.41 -17.26 6.46
CA ASP D 74 12.57 -16.12 5.56
C ASP D 74 13.42 -15.02 6.19
N LEU D 75 14.50 -15.40 6.85
CA LEU D 75 15.40 -14.45 7.51
C LEU D 75 16.84 -14.75 7.17
N VAL D 76 17.67 -13.71 7.25
CA VAL D 76 19.11 -13.85 7.01
C VAL D 76 19.81 -12.74 7.78
N SER D 77 20.97 -13.07 8.35
CA SER D 77 21.83 -12.09 9.00
C SER D 77 23.17 -12.05 8.30
N TYR D 78 23.80 -10.88 8.33
CA TYR D 78 25.11 -10.64 7.74
C TYR D 78 26.07 -10.16 8.81
N CYS D 79 27.32 -10.63 8.73
CA CYS D 79 28.45 -10.22 9.55
C CYS D 79 28.45 -10.86 10.93
N GLY D 80 27.37 -11.52 11.33
CA GLY D 80 27.29 -12.12 12.65
C GLY D 80 25.92 -12.73 12.86
N PRO D 81 25.71 -13.30 14.04
CA PRO D 81 24.45 -14.00 14.30
C PRO D 81 23.30 -13.02 14.52
N TRP D 82 22.10 -13.54 14.29
CA TRP D 82 20.88 -12.77 14.54
C TRP D 82 20.86 -12.23 15.97
N LYS D 83 20.62 -10.92 16.08
CA LYS D 83 20.71 -10.22 17.35
C LYS D 83 19.35 -9.82 17.92
N LEU D 84 18.29 -9.87 17.14
CA LEU D 84 17.00 -9.34 17.55
C LEU D 84 16.18 -10.45 18.19
N ASP D 85 15.84 -10.29 19.48
CA ASP D 85 15.06 -11.32 20.16
C ASP D 85 13.89 -10.79 20.97
N ALA D 86 13.57 -9.50 20.88
CA ALA D 86 12.35 -9.01 21.51
C ALA D 86 11.13 -9.64 20.83
N ALA D 87 10.10 -9.92 21.61
CA ALA D 87 8.89 -10.56 21.13
C ALA D 87 7.68 -9.67 21.36
N TRP D 88 6.73 -9.69 20.43
CA TRP D 88 5.44 -9.07 20.67
C TRP D 88 4.83 -9.69 21.93
N ASP D 89 4.32 -8.84 22.82
CA ASP D 89 3.75 -9.34 24.07
C ASP D 89 2.35 -9.90 23.89
N GLY D 90 1.81 -9.88 22.67
CA GLY D 90 0.48 -10.40 22.40
C GLY D 90 -0.66 -9.51 22.83
N LEU D 91 -0.37 -8.29 23.27
CA LEU D 91 -1.34 -7.47 23.98
C LEU D 91 -1.29 -6.03 23.52
N SER D 92 -0.10 -5.51 23.27
CA SER D 92 0.12 -4.09 23.07
C SER D 92 0.20 -3.73 21.59
N GLU D 93 -0.09 -2.46 21.31
CA GLU D 93 0.14 -1.93 19.97
C GLU D 93 1.64 -1.86 19.68
N VAL D 94 1.96 -1.92 18.39
CA VAL D 94 3.32 -1.92 17.90
C VAL D 94 3.42 -0.84 16.83
N GLN D 95 4.64 -0.60 16.34
CA GLN D 95 4.84 0.34 15.26
C GLN D 95 5.65 -0.32 14.15
N LEU D 96 5.14 -0.24 12.93
CA LEU D 96 5.92 -0.52 11.74
C LEU D 96 6.74 0.71 11.39
N LEU D 97 8.07 0.57 11.39
CA LEU D 97 8.93 1.63 10.88
C LEU D 97 9.07 1.33 9.39
N ALA D 98 8.08 1.79 8.63
CA ALA D 98 8.03 1.49 7.21
C ALA D 98 9.04 2.32 6.45
N VAL D 99 9.81 1.68 5.59
CA VAL D 99 10.77 2.37 4.74
C VAL D 99 10.37 2.07 3.29
N PRO D 100 9.38 2.77 2.74
CA PRO D 100 8.87 2.43 1.42
C PRO D 100 9.78 2.96 0.32
N PRO D 101 9.85 2.28 -0.82
CA PRO D 101 10.59 2.82 -1.96
C PRO D 101 10.22 4.27 -2.24
N GLY D 102 11.23 5.13 -2.33
CA GLY D 102 11.05 6.51 -2.71
C GLY D 102 10.45 7.40 -1.65
N GLU D 103 10.34 6.93 -0.41
CA GLU D 103 9.68 7.68 0.64
C GLU D 103 10.52 7.64 1.91
N ARG D 104 10.47 8.75 2.65
CA ARG D 104 11.11 8.82 3.96
C ARG D 104 10.50 7.78 4.90
N ALA D 105 11.35 7.24 5.78
CA ALA D 105 10.87 6.31 6.80
C ALA D 105 9.81 6.97 7.66
N LYS D 106 8.77 6.19 7.99
CA LYS D 106 7.67 6.70 8.81
C LYS D 106 7.19 5.59 9.73
N ASN D 107 6.66 5.99 10.88
CA ASN D 107 6.15 5.06 11.88
C ASN D 107 4.64 4.96 11.76
N ILE D 108 4.14 3.73 11.70
CA ILE D 108 2.71 3.45 11.65
C ILE D 108 2.38 2.55 12.84
N GLN D 109 1.48 3.00 13.69
CA GLN D 109 1.08 2.25 14.88
C GLN D 109 -0.15 1.42 14.58
N THR D 110 -0.19 0.21 15.14
CA THR D 110 -1.27 -0.73 14.86
C THR D 110 -1.33 -1.75 15.98
N LEU D 111 -2.51 -2.36 16.14
CA LEU D 111 -2.63 -3.55 16.99
C LEU D 111 -2.56 -4.79 16.10
N PRO D 112 -1.58 -5.67 16.27
CA PRO D 112 -1.50 -6.84 15.39
C PRO D 112 -2.72 -7.74 15.54
N GLY D 113 -3.05 -8.41 14.43
CA GLY D 113 -3.85 -9.60 14.46
C GLY D 113 -2.97 -10.82 14.66
N ILE D 114 -3.48 -11.97 14.23
CA ILE D 114 -2.85 -13.25 14.53
C ILE D 114 -2.88 -14.15 13.31
N PHE D 115 -1.73 -14.70 12.95
CA PHE D 115 -1.65 -15.86 12.06
C PHE D 115 -1.77 -17.11 12.91
N LYS D 116 -2.79 -17.94 12.64
CA LYS D 116 -2.97 -19.20 13.35
C LYS D 116 -2.51 -20.34 12.45
N THR D 117 -1.47 -21.05 12.88
CA THR D 117 -0.94 -22.20 12.17
C THR D 117 -1.04 -23.44 13.03
N LYS D 118 -0.82 -24.59 12.41
CA LYS D 118 -0.79 -25.85 13.15
C LYS D 118 0.33 -25.87 14.19
N ASP D 119 1.35 -25.02 14.02
CA ASP D 119 2.48 -24.97 14.93
C ASP D 119 2.41 -23.81 15.91
N GLY D 120 1.28 -23.13 16.00
CA GLY D 120 1.07 -22.07 16.96
C GLY D 120 0.79 -20.74 16.29
N ASP D 121 0.60 -19.73 17.13
CA ASP D 121 0.16 -18.41 16.72
C ASP D 121 1.34 -17.46 16.56
N ILE D 122 1.22 -16.57 15.57
CA ILE D 122 2.21 -15.54 15.28
C ILE D 122 1.47 -14.22 15.14
N GLY D 123 2.02 -13.16 15.71
CA GLY D 123 1.48 -11.84 15.46
C GLY D 123 1.58 -11.48 13.99
N ALA D 124 0.62 -10.69 13.53
CA ALA D 124 0.55 -10.27 12.12
C ALA D 124 0.00 -8.85 12.05
N VAL D 125 0.54 -8.04 11.15
CA VAL D 125 0.10 -6.65 11.00
C VAL D 125 -0.58 -6.46 9.65
N ALA D 126 -1.74 -5.83 9.68
CA ALA D 126 -2.53 -5.57 8.48
C ALA D 126 -2.23 -4.16 7.98
N LEU D 127 -1.04 -4.03 7.40
CA LEU D 127 -0.54 -2.80 6.82
C LEU D 127 0.01 -3.13 5.44
N ASP D 128 -0.32 -2.30 4.45
CA ASP D 128 -0.09 -2.62 3.05
C ASP D 128 0.89 -1.62 2.44
N TYR D 129 2.10 -2.07 2.18
CA TYR D 129 3.16 -1.31 1.55
C TYR D 129 3.75 -2.08 0.39
N PRO D 130 4.43 -1.41 -0.54
CA PRO D 130 5.04 -2.13 -1.66
C PRO D 130 5.97 -3.23 -1.19
N ALA D 131 6.15 -4.24 -2.05
CA ALA D 131 6.98 -5.39 -1.68
C ALA D 131 8.39 -4.97 -1.30
N GLY D 132 8.90 -3.89 -1.90
CA GLY D 132 10.23 -3.40 -1.58
C GLY D 132 10.40 -2.84 -0.20
N THR D 133 9.30 -2.77 0.56
CA THR D 133 9.32 -2.42 1.97
C THR D 133 9.71 -3.61 2.84
N SER D 134 9.80 -4.81 2.27
CA SER D 134 10.13 -6.01 3.03
C SER D 134 11.44 -5.83 3.78
N GLY D 135 11.43 -6.25 5.06
CA GLY D 135 12.56 -6.11 5.93
C GLY D 135 12.47 -4.92 6.87
N SER D 136 11.46 -4.08 6.68
CA SER D 136 11.23 -2.97 7.61
C SER D 136 10.94 -3.50 9.00
N PRO D 137 11.47 -2.88 10.04
CA PRO D 137 11.28 -3.40 11.39
C PRO D 137 9.97 -3.02 12.02
N ILE D 138 9.47 -3.92 12.86
CA ILE D 138 8.30 -3.72 13.70
C ILE D 138 8.80 -3.60 15.13
N LEU D 139 8.31 -2.58 15.85
CA LEU D 139 8.87 -2.14 17.11
C LEU D 139 7.88 -2.25 18.25
N ASP D 140 8.38 -2.55 19.45
CA ASP D 140 7.58 -2.40 20.66
C ASP D 140 7.78 -0.99 21.22
N LYS D 141 7.04 -0.67 22.30
CA LYS D 141 7.08 0.68 22.84
C LYS D 141 8.47 1.08 23.35
N SER D 142 9.30 0.12 23.72
CA SER D 142 10.67 0.40 24.10
C SER D 142 11.57 0.72 22.91
N GLY D 143 11.06 0.60 21.68
CA GLY D 143 11.89 0.80 20.52
C GLY D 143 12.67 -0.42 20.08
N ARG D 144 12.44 -1.57 20.71
CA ARG D 144 13.11 -2.80 20.31
C ARG D 144 12.43 -3.41 19.09
N VAL D 145 13.23 -4.02 18.23
CA VAL D 145 12.70 -4.67 17.04
C VAL D 145 12.13 -6.03 17.42
N ILE D 146 10.83 -6.21 17.25
CA ILE D 146 10.16 -7.47 17.58
C ILE D 146 9.95 -8.35 16.35
N GLY D 147 10.36 -7.89 15.18
CA GLY D 147 10.27 -8.70 13.97
C GLY D 147 10.39 -7.82 12.76
N LEU D 148 10.42 -8.47 11.59
CA LEU D 148 10.50 -7.79 10.32
C LEU D 148 9.23 -7.99 9.51
N TYR D 149 8.89 -6.94 8.75
CA TYR D 149 7.70 -6.88 7.89
C TYR D 149 8.01 -7.40 6.51
N GLY D 150 7.09 -8.21 5.96
CA GLY D 150 7.20 -8.54 4.55
C GLY D 150 7.05 -10.00 4.12
N ASN D 151 6.73 -10.91 5.05
CA ASN D 151 6.35 -12.27 4.68
C ASN D 151 4.93 -12.49 5.18
N GLY D 152 3.99 -12.66 4.27
CA GLY D 152 2.59 -12.70 4.65
C GLY D 152 1.66 -13.23 3.59
N VAL D 153 0.43 -12.71 3.57
CA VAL D 153 -0.60 -13.19 2.66
C VAL D 153 -1.40 -12.00 2.14
N VAL D 154 -1.91 -12.14 0.93
CA VAL D 154 -2.88 -11.23 0.35
C VAL D 154 -4.26 -11.84 0.55
N ILE D 155 -5.20 -11.04 1.06
CA ILE D 155 -6.53 -11.54 1.35
C ILE D 155 -7.49 -11.14 0.23
N LYS D 156 -8.76 -11.51 0.36
CA LYS D 156 -9.65 -11.51 -0.79
C LYS D 156 -9.91 -10.09 -1.31
N ASN D 157 -9.88 -9.08 -0.45
CA ASN D 157 -10.15 -7.72 -0.90
C ASN D 157 -8.90 -7.05 -1.46
N GLY D 158 -7.81 -7.80 -1.62
CA GLY D 158 -6.60 -7.30 -2.23
C GLY D 158 -5.57 -6.76 -1.26
N SER D 159 -5.94 -6.56 0.00
CA SER D 159 -5.00 -6.02 0.97
C SER D 159 -4.05 -7.10 1.47
N TYR D 160 -3.06 -6.67 2.24
CA TYR D 160 -1.94 -7.50 2.64
C TYR D 160 -1.87 -7.59 4.17
N VAL D 161 -1.50 -8.75 4.67
CA VAL D 161 -1.25 -8.96 6.09
C VAL D 161 0.10 -9.65 6.22
N SER D 162 1.00 -9.03 7.01
CA SER D 162 2.35 -9.53 7.21
C SER D 162 2.50 -10.21 8.56
N ALA D 163 3.17 -11.37 8.58
CA ALA D 163 3.63 -11.90 9.84
C ALA D 163 4.60 -10.93 10.50
N ILE D 164 4.65 -10.96 11.82
CA ILE D 164 5.76 -10.34 12.57
C ILE D 164 6.84 -11.43 12.65
N THR D 165 7.79 -11.39 11.71
CA THR D 165 8.78 -12.46 11.58
C THR D 165 10.00 -12.14 12.44
N GLN D 166 10.28 -12.98 13.43
CA GLN D 166 11.39 -12.78 14.34
C GLN D 166 12.27 -14.02 14.35
N GLY D 167 13.57 -13.79 14.50
CA GLY D 167 14.55 -14.86 14.59
C GLY D 167 14.91 -15.17 16.03
N LYS D 168 15.93 -16.00 16.19
CA LYS D 168 16.41 -16.43 17.49
C LYS D 168 17.81 -15.87 17.74
N ARG D 169 18.01 -15.35 18.95
CA ARG D 169 19.34 -14.97 19.43
C ARG D 169 19.87 -16.14 20.25
N GLU D 170 20.95 -16.76 19.77
CA GLU D 170 21.52 -17.93 20.42
C GLU D 170 22.44 -17.55 21.58
#